data_5AWM
#
_entry.id   5AWM
#
_cell.length_a   52.486
_cell.length_b   55.329
_cell.length_c   126.717
_cell.angle_alpha   90.00
_cell.angle_beta   90.00
_cell.angle_gamma   90.00
#
_symmetry.space_group_name_H-M   'P 21 21 21'
#
loop_
_entity.id
_entity.type
_entity.pdbx_description
1 polymer 'Stress-activated protein kinase JNK'
2 non-polymer 'PHOSPHOAMINOPHOSPHONIC ACID-ADENYLATE ESTER'
3 non-polymer 'MAGNESIUM ION'
4 water water
#
_entity_poly.entity_id   1
_entity_poly.type   'polypeptide(L)'
_entity_poly.pdbx_seq_one_letter_code
;MGSSHHHHHHSSGLVPRGSHRTMTTAQHQHYTVEVGDTNFTIHSRYINLRPIGSGAQGIVCAAYDTITQQNVAIKKLSRP
FQNVTHAKRAYREFKLMKLVNHKNIIGLLNAFTPQRNLEEFQDVYLVMELMDANLCQVIQMDLDHDRMSYLLYQMLCGIK
HLHSAGIIHRDLKPSNIVVKADCTLKILDFGLARTAGTTFMMTPYVVTRYYRAPEVILGMGYTENVDIWSVGCIMGEMIR
GGVLFPGTDHIDQWNKIIEQLGTPSPSFMQRLQPTVRNYVENRPRYTGYSFDRLFPDGLFPNDNNQNSRRKASDARNLLS
KMLVIDPEQRISVDEALKHEYINVWYDAEEVDAPAPEPYDHSVDEREHTVEQWKELIYEEVMDYEAHNTNNRTR
;
_entity_poly.pdbx_strand_id   A
#
loop_
_chem_comp.id
_chem_comp.type
_chem_comp.name
_chem_comp.formula
ANP non-polymer 'PHOSPHOAMINOPHOSPHONIC ACID-ADENYLATE ESTER' 'C10 H17 N6 O12 P3'
MG non-polymer 'MAGNESIUM ION' 'Mg 2'
#
# COMPACT_ATOMS: atom_id res chain seq x y z
N GLN A 29 16.52 0.50 -30.32
CA GLN A 29 15.77 -0.60 -30.79
C GLN A 29 15.05 -1.26 -29.62
N HIS A 30 14.19 -2.18 -29.94
CA HIS A 30 13.36 -2.86 -29.02
C HIS A 30 13.17 -4.16 -29.74
N TYR A 31 12.60 -5.15 -29.03
CA TYR A 31 12.22 -6.52 -29.38
C TYR A 31 11.09 -7.10 -28.52
N THR A 32 10.51 -8.26 -28.91
CA THR A 32 9.31 -8.83 -28.30
C THR A 32 9.54 -10.21 -27.78
N VAL A 33 9.19 -10.43 -26.52
CA VAL A 33 9.23 -11.75 -25.93
C VAL A 33 7.97 -11.99 -25.11
N GLU A 34 7.50 -13.24 -25.07
CA GLU A 34 6.36 -13.64 -24.25
C GLU A 34 6.84 -14.15 -22.87
N VAL A 35 6.25 -13.60 -21.80
CA VAL A 35 6.57 -14.01 -20.43
C VAL A 35 5.24 -14.40 -19.84
N GLY A 36 5.11 -15.71 -19.55
CA GLY A 36 3.83 -16.35 -19.22
C GLY A 36 2.74 -16.09 -20.26
N ASP A 37 1.60 -15.57 -19.78
CA ASP A 37 0.45 -15.20 -20.65
C ASP A 37 0.64 -13.84 -21.38
N THR A 38 1.65 -13.06 -21.00
CA THR A 38 1.81 -11.66 -21.42
C THR A 38 2.99 -11.44 -22.37
N ASN A 39 2.78 -10.63 -23.42
CA ASN A 39 3.85 -10.16 -24.30
C ASN A 39 4.52 -8.83 -23.91
N PHE A 40 5.85 -8.84 -23.78
CA PHE A 40 6.62 -7.58 -23.55
C PHE A 40 7.43 -7.16 -24.74
N THR A 41 7.16 -5.97 -25.23
CA THR A 41 8.04 -5.28 -26.21
C THR A 41 8.89 -4.21 -25.58
N ILE A 42 10.16 -4.50 -25.37
CA ILE A 42 11.02 -3.52 -24.71
C ILE A 42 12.27 -3.12 -25.49
N HIS A 43 13.06 -2.26 -24.85
CA HIS A 43 14.30 -1.76 -25.43
C HIS A 43 15.35 -2.86 -25.31
N SER A 44 16.24 -2.89 -26.30
CA SER A 44 17.23 -3.97 -26.44
C SER A 44 18.13 -4.08 -25.23
N ARG A 45 18.38 -2.94 -24.58
CA ARG A 45 19.13 -2.88 -23.35
C ARG A 45 18.67 -3.91 -22.30
N TYR A 46 17.35 -4.21 -22.28
CA TYR A 46 16.79 -5.13 -21.27
C TYR A 46 16.72 -6.57 -21.74
N ILE A 47 17.46 -7.44 -21.06
CA ILE A 47 17.56 -8.85 -21.36
C ILE A 47 17.22 -9.83 -20.22
N ASN A 48 17.11 -11.12 -20.57
CA ASN A 48 16.77 -12.18 -19.68
C ASN A 48 15.47 -11.92 -18.94
N LEU A 49 14.41 -11.51 -19.65
CA LEU A 49 13.13 -11.29 -19.02
C LEU A 49 12.58 -12.63 -18.44
N ARG A 50 12.13 -12.57 -17.18
CA ARG A 50 11.50 -13.71 -16.46
C ARG A 50 10.28 -13.26 -15.62
N PRO A 51 9.30 -14.16 -15.37
CA PRO A 51 8.08 -13.71 -14.64
C PRO A 51 8.35 -13.42 -13.15
N ILE A 52 7.66 -12.42 -12.58
CA ILE A 52 7.66 -12.19 -11.10
C ILE A 52 6.30 -11.76 -10.51
N GLY A 53 6.20 -11.87 -9.17
CA GLY A 53 4.98 -11.55 -8.38
C GLY A 53 3.91 -12.62 -8.12
N GLY A 58 0.35 -12.01 -15.09
CA GLY A 58 1.45 -11.16 -14.64
C GLY A 58 1.79 -10.09 -15.64
N ILE A 59 1.78 -8.82 -15.20
CA ILE A 59 2.22 -7.71 -16.05
C ILE A 59 3.60 -7.13 -15.59
N VAL A 60 4.24 -7.76 -14.60
CA VAL A 60 5.59 -7.35 -14.17
C VAL A 60 6.54 -8.51 -14.44
N CYS A 61 7.70 -8.20 -15.00
CA CYS A 61 8.77 -9.21 -15.12
C CYS A 61 10.07 -8.67 -14.57
N ALA A 62 10.99 -9.56 -14.29
CA ALA A 62 12.33 -9.17 -13.92
C ALA A 62 13.22 -9.20 -15.17
N ALA A 63 14.22 -8.32 -15.24
CA ALA A 63 15.23 -8.31 -16.32
C ALA A 63 16.57 -7.79 -15.90
N TYR A 64 17.54 -7.91 -16.82
CA TYR A 64 18.84 -7.28 -16.64
C TYR A 64 19.01 -6.12 -17.62
N ASP A 65 19.32 -4.94 -17.10
CA ASP A 65 19.67 -3.77 -17.88
C ASP A 65 21.19 -3.79 -18.24
N THR A 66 21.50 -3.93 -19.52
CA THR A 66 22.93 -4.02 -19.94
C THR A 66 23.65 -2.67 -19.82
N ILE A 67 22.96 -1.58 -19.98
CA ILE A 67 23.58 -0.25 -19.94
C ILE A 67 24.00 0.16 -18.56
N THR A 68 23.10 0.03 -17.57
CA THR A 68 23.46 0.37 -16.17
C THR A 68 23.94 -0.86 -15.38
N GLN A 69 23.97 -2.05 -16.00
CA GLN A 69 24.47 -3.28 -15.39
C GLN A 69 23.82 -3.60 -14.03
N GLN A 70 22.48 -3.69 -14.02
CA GLN A 70 21.75 -4.01 -12.79
C GLN A 70 20.45 -4.69 -13.16
N ASN A 71 19.88 -5.42 -12.20
CA ASN A 71 18.62 -6.07 -12.36
C ASN A 71 17.50 -5.06 -12.15
N VAL A 72 16.45 -5.20 -12.95
CA VAL A 72 15.34 -4.29 -12.94
C VAL A 72 14.04 -5.02 -12.96
N ALA A 73 12.99 -4.29 -12.59
CA ALA A 73 11.62 -4.74 -12.72
C ALA A 73 10.96 -3.89 -13.80
N ILE A 74 10.28 -4.55 -14.72
CA ILE A 74 9.53 -3.89 -15.81
C ILE A 74 8.06 -4.17 -15.73
N LYS A 75 7.26 -3.11 -15.59
CA LYS A 75 5.81 -3.27 -15.52
C LYS A 75 5.16 -2.76 -16.81
N LYS A 76 4.31 -3.57 -17.43
CA LYS A 76 3.61 -3.14 -18.63
C LYS A 76 2.19 -2.63 -18.32
N LEU A 77 1.94 -1.42 -18.77
CA LEU A 77 0.67 -0.75 -18.70
C LEU A 77 0.04 -0.78 -20.10
N SER A 78 -0.90 -1.68 -20.27
CA SER A 78 -1.56 -1.87 -21.55
C SER A 78 -2.64 -0.78 -21.77
N ARG A 79 -2.58 -0.05 -22.89
CA ARG A 79 -3.53 1.03 -23.22
C ARG A 79 -4.03 1.87 -22.04
N PRO A 80 -3.14 2.54 -21.31
CA PRO A 80 -3.56 3.21 -20.05
C PRO A 80 -4.60 4.36 -20.30
N PHE A 81 -4.78 4.77 -21.58
CA PHE A 81 -5.70 5.83 -21.99
C PHE A 81 -7.14 5.29 -22.29
N GLN A 82 -7.32 3.99 -22.13
CA GLN A 82 -8.57 3.27 -22.54
C GLN A 82 -9.92 3.77 -22.01
N ASN A 83 -9.95 4.21 -20.76
CA ASN A 83 -11.10 4.94 -20.19
C ASN A 83 -10.68 6.04 -19.21
N VAL A 84 -11.64 6.88 -18.81
CA VAL A 84 -11.32 8.02 -17.91
C VAL A 84 -10.80 7.56 -16.55
N THR A 85 -11.26 6.42 -16.04
CA THR A 85 -10.74 5.93 -14.76
C THR A 85 -9.31 5.35 -14.85
N HIS A 86 -9.02 4.48 -15.83
CA HIS A 86 -7.65 3.97 -16.02
C HIS A 86 -6.68 5.10 -16.32
N ALA A 87 -7.04 5.96 -17.27
CA ALA A 87 -6.23 7.12 -17.66
C ALA A 87 -5.86 8.04 -16.52
N LYS A 88 -6.85 8.42 -15.70
CA LYS A 88 -6.60 9.20 -14.49
C LYS A 88 -5.68 8.50 -13.49
N ARG A 89 -5.90 7.23 -13.21
CA ARG A 89 -4.94 6.44 -12.37
C ARG A 89 -3.50 6.36 -12.89
N ALA A 90 -3.31 6.14 -14.20
CA ALA A 90 -1.99 6.01 -14.79
C ALA A 90 -1.25 7.34 -14.79
N TYR A 91 -1.97 8.38 -15.18
CA TYR A 91 -1.39 9.70 -15.26
C TYR A 91 -1.02 10.20 -13.86
N ARG A 92 -1.90 10.02 -12.87
CA ARG A 92 -1.57 10.40 -11.47
C ARG A 92 -0.36 9.61 -10.96
N GLU A 93 -0.31 8.31 -11.21
CA GLU A 93 0.83 7.54 -10.65
C GLU A 93 2.15 7.84 -11.32
N PHE A 94 2.09 8.18 -12.60
CA PHE A 94 3.25 8.67 -13.30
C PHE A 94 3.73 10.01 -12.69
N LYS A 95 2.84 10.98 -12.48
CA LYS A 95 3.23 12.26 -11.83
C LYS A 95 3.81 12.04 -10.43
N LEU A 96 3.12 11.24 -9.62
CA LEU A 96 3.59 11.05 -8.20
C LEU A 96 4.96 10.41 -8.09
N MET A 97 5.24 9.44 -8.96
CA MET A 97 6.53 8.76 -8.96
C MET A 97 7.73 9.72 -9.15
N LYS A 98 7.48 10.83 -9.82
CA LYS A 98 8.51 11.84 -10.11
C LYS A 98 8.47 13.01 -9.10
N LEU A 99 7.29 13.36 -8.61
CA LEU A 99 7.19 14.35 -7.53
C LEU A 99 7.85 13.87 -6.20
N VAL A 100 7.58 12.63 -5.76
CA VAL A 100 8.03 12.16 -4.44
C VAL A 100 9.50 11.70 -4.46
N ASN A 101 10.19 11.78 -3.33
CA ASN A 101 11.58 11.36 -3.27
C ASN A 101 12.00 10.84 -1.88
N HIS A 102 11.91 9.52 -1.67
CA HIS A 102 12.13 8.99 -0.36
C HIS A 102 12.62 7.54 -0.51
N LYS A 103 13.49 7.17 0.39
CA LYS A 103 14.09 5.82 0.29
C LYS A 103 13.11 4.70 0.57
N ASN A 104 11.97 5.00 1.16
CA ASN A 104 10.89 4.01 1.41
C ASN A 104 9.72 4.01 0.42
N ILE A 105 9.91 4.73 -0.71
CA ILE A 105 8.93 4.69 -1.81
C ILE A 105 9.73 4.38 -3.10
N ILE A 106 9.25 3.46 -3.91
CA ILE A 106 9.92 3.05 -5.13
C ILE A 106 10.01 4.23 -6.09
N GLY A 107 11.08 4.24 -6.84
CA GLY A 107 11.40 5.37 -7.74
C GLY A 107 11.40 4.79 -9.11
N LEU A 108 11.28 5.63 -10.13
CA LEU A 108 11.27 5.18 -11.53
C LEU A 108 12.71 5.27 -12.04
N LEU A 109 13.23 4.22 -12.66
CA LEU A 109 14.52 4.31 -13.36
C LEU A 109 14.34 4.78 -14.80
N ASN A 110 13.25 4.39 -15.44
CA ASN A 110 13.05 4.70 -16.86
C ASN A 110 11.58 4.49 -17.14
N ALA A 111 11.08 5.09 -18.21
CA ALA A 111 9.76 4.81 -18.71
C ALA A 111 9.82 5.03 -20.21
N PHE A 112 9.16 4.16 -20.97
CA PHE A 112 9.17 4.27 -22.45
C PHE A 112 7.93 3.62 -23.07
N THR A 113 7.71 3.93 -24.36
CA THR A 113 6.77 3.20 -25.23
C THR A 113 7.63 2.81 -26.43
N PRO A 114 7.54 1.55 -26.89
CA PRO A 114 8.30 1.08 -28.09
C PRO A 114 7.59 1.46 -29.40
N GLN A 115 6.40 2.03 -29.32
CA GLN A 115 5.69 2.49 -30.54
C GLN A 115 6.26 3.84 -31.00
N ARG A 116 6.24 4.06 -32.31
CA ARG A 116 7.05 5.18 -32.87
C ARG A 116 6.42 6.56 -32.92
N ASN A 117 5.11 6.65 -32.83
CA ASN A 117 4.42 7.95 -32.89
C ASN A 117 3.12 7.85 -32.09
N LEU A 118 2.39 8.96 -32.00
CA LEU A 118 1.11 8.99 -31.29
C LEU A 118 0.02 8.08 -31.87
N GLU A 119 -0.16 8.10 -33.19
CA GLU A 119 -1.17 7.27 -33.83
C GLU A 119 -0.99 5.81 -33.44
N GLU A 120 0.26 5.30 -33.48
CA GLU A 120 0.53 3.91 -33.12
C GLU A 120 0.67 3.64 -31.59
N PHE A 121 0.86 4.67 -30.79
CA PHE A 121 1.02 4.50 -29.30
C PHE A 121 -0.04 3.57 -28.67
N GLN A 122 0.42 2.52 -27.96
CA GLN A 122 -0.48 1.55 -27.32
C GLN A 122 -0.12 1.37 -25.83
N ASP A 123 1.16 1.10 -25.54
CA ASP A 123 1.60 0.65 -24.21
C ASP A 123 2.70 1.50 -23.61
N VAL A 124 2.73 1.58 -22.26
CA VAL A 124 3.78 2.22 -21.55
C VAL A 124 4.43 1.16 -20.70
N TYR A 125 5.76 1.24 -20.56
CA TYR A 125 6.55 0.37 -19.67
C TYR A 125 7.27 1.22 -18.63
N LEU A 126 7.18 0.81 -17.34
CA LEU A 126 7.85 1.46 -16.24
C LEU A 126 8.98 0.57 -15.84
N VAL A 127 10.15 1.13 -15.58
CA VAL A 127 11.31 0.39 -15.15
C VAL A 127 11.76 0.86 -13.76
N MET A 128 11.92 -0.13 -12.89
CA MET A 128 12.28 0.06 -11.45
C MET A 128 13.46 -0.76 -11.08
N GLU A 129 14.19 -0.38 -10.04
CA GLU A 129 15.14 -1.31 -9.46
C GLU A 129 14.43 -2.62 -9.02
N LEU A 130 15.12 -3.76 -9.14
CA LEU A 130 14.52 -5.07 -8.81
C LEU A 130 14.82 -5.33 -7.33
N MET A 131 13.76 -5.35 -6.51
CA MET A 131 13.89 -5.72 -5.09
C MET A 131 13.77 -7.23 -5.00
N ASP A 132 14.14 -7.77 -3.86
CA ASP A 132 14.25 -9.22 -3.68
C ASP A 132 13.01 -10.00 -3.40
N ALA A 133 11.93 -9.39 -2.91
CA ALA A 133 10.71 -10.09 -2.53
C ALA A 133 9.62 -9.06 -2.28
N ASN A 134 8.38 -9.49 -2.33
CA ASN A 134 7.31 -8.69 -1.83
C ASN A 134 7.05 -8.98 -0.32
N LEU A 135 6.27 -8.12 0.31
CA LEU A 135 6.10 -8.24 1.79
C LEU A 135 5.31 -9.48 2.15
N CYS A 136 4.44 -9.95 1.27
CA CYS A 136 3.81 -11.31 1.53
C CYS A 136 4.81 -12.39 1.69
N GLN A 137 5.77 -12.44 0.77
CA GLN A 137 6.79 -13.47 0.79
C GLN A 137 7.65 -13.36 2.05
N VAL A 138 7.93 -12.13 2.47
CA VAL A 138 8.72 -11.86 3.72
C VAL A 138 7.93 -12.34 4.96
N ILE A 139 6.62 -12.02 5.01
CA ILE A 139 5.81 -12.41 6.18
C ILE A 139 5.78 -13.91 6.30
N GLN A 140 5.77 -14.60 5.16
CA GLN A 140 5.71 -16.08 5.11
C GLN A 140 6.93 -16.72 5.69
N MET A 141 8.01 -15.95 5.71
CA MET A 141 9.31 -16.36 6.38
C MET A 141 9.37 -16.37 7.89
N ASP A 142 8.36 -15.83 8.61
CA ASP A 142 8.20 -15.86 10.07
C ASP A 142 9.24 -14.97 10.76
N LEU A 143 8.90 -13.69 10.76
CA LEU A 143 9.80 -12.66 11.16
C LEU A 143 10.01 -12.55 12.67
N ASP A 144 11.25 -12.21 13.06
CA ASP A 144 11.52 -11.86 14.43
C ASP A 144 11.22 -10.38 14.73
N HIS A 145 11.34 -10.02 15.99
CA HIS A 145 11.04 -8.66 16.42
C HIS A 145 11.94 -7.59 15.77
N ASP A 146 13.25 -7.81 15.64
CA ASP A 146 14.14 -6.85 15.01
C ASP A 146 13.65 -6.55 13.60
N ARG A 147 13.32 -7.59 12.83
CA ARG A 147 12.84 -7.33 11.48
C ARG A 147 11.44 -6.72 11.40
N MET A 148 10.52 -7.20 12.22
CA MET A 148 9.14 -6.68 12.22
C MET A 148 9.21 -5.23 12.57
N SER A 149 10.01 -4.87 13.61
CA SER A 149 9.98 -3.44 14.03
C SER A 149 10.62 -2.54 12.98
N TYR A 150 11.71 -3.00 12.37
CA TYR A 150 12.44 -2.22 11.36
C TYR A 150 11.57 -2.03 10.08
N LEU A 151 10.88 -3.06 9.60
CA LEU A 151 10.04 -2.94 8.47
C LEU A 151 8.87 -2.02 8.77
N LEU A 152 8.30 -2.06 9.95
CA LEU A 152 7.18 -1.16 10.34
C LEU A 152 7.63 0.29 10.41
N TYR A 153 8.81 0.50 11.01
CA TYR A 153 9.47 1.84 11.07
C TYR A 153 9.60 2.44 9.66
N GLN A 154 10.08 1.64 8.71
CA GLN A 154 10.23 2.10 7.32
C GLN A 154 8.89 2.35 6.62
N MET A 155 7.91 1.51 6.87
CA MET A 155 6.56 1.70 6.29
C MET A 155 5.97 3.05 6.83
N LEU A 156 6.09 3.27 8.11
CA LEU A 156 5.64 4.54 8.68
C LEU A 156 6.43 5.77 8.20
N CYS A 157 7.75 5.67 8.05
CA CYS A 157 8.53 6.79 7.46
C CYS A 157 7.99 7.10 6.04
N GLY A 158 7.81 6.02 5.24
CA GLY A 158 7.19 6.19 3.87
C GLY A 158 5.83 6.90 3.84
N ILE A 159 4.90 6.42 4.66
CA ILE A 159 3.59 7.02 4.85
C ILE A 159 3.70 8.47 5.30
N LYS A 160 4.55 8.75 6.30
CA LYS A 160 4.78 10.13 6.74
C LYS A 160 5.15 11.08 5.56
N HIS A 161 6.08 10.62 4.75
CA HIS A 161 6.53 11.37 3.56
C HIS A 161 5.36 11.58 2.55
N LEU A 162 4.63 10.51 2.26
CA LEU A 162 3.39 10.67 1.45
C LEU A 162 2.40 11.70 2.01
N HIS A 163 2.17 11.66 3.30
CA HIS A 163 1.23 12.58 3.96
C HIS A 163 1.79 14.01 3.85
N SER A 164 3.09 14.15 3.90
CA SER A 164 3.75 15.51 3.81
C SER A 164 3.51 16.11 2.41
N ALA A 165 3.26 15.27 1.40
CA ALA A 165 2.83 15.73 0.08
C ALA A 165 1.32 15.86 -0.10
N GLY A 166 0.52 15.59 0.92
CA GLY A 166 -0.94 15.64 0.79
C GLY A 166 -1.52 14.36 0.19
N ILE A 167 -0.75 13.26 0.17
CA ILE A 167 -1.26 12.00 -0.38
C ILE A 167 -1.68 11.15 0.86
N ILE A 168 -2.97 10.86 0.99
CA ILE A 168 -3.47 9.84 1.97
C ILE A 168 -3.70 8.58 1.12
N HIS A 169 -3.08 7.47 1.50
CA HIS A 169 -3.02 6.31 0.60
C HIS A 169 -4.36 5.55 0.53
N ARG A 170 -4.84 5.08 1.70
CA ARG A 170 -6.14 4.34 1.90
C ARG A 170 -6.13 2.88 1.44
N ASP A 171 -5.12 2.46 0.72
CA ASP A 171 -5.08 1.09 0.15
C ASP A 171 -3.76 0.39 0.29
N LEU A 172 -3.07 0.62 1.41
CA LEU A 172 -1.84 -0.05 1.63
C LEU A 172 -2.05 -1.54 1.80
N LYS A 173 -1.20 -2.35 1.17
CA LYS A 173 -1.32 -3.80 1.34
C LYS A 173 0.02 -4.47 1.09
N PRO A 174 0.27 -5.67 1.68
CA PRO A 174 1.59 -6.24 1.50
C PRO A 174 2.06 -6.64 0.08
N SER A 175 1.14 -7.03 -0.81
CA SER A 175 1.51 -7.41 -2.14
C SER A 175 2.04 -6.17 -2.92
N ASN A 176 1.71 -4.98 -2.46
CA ASN A 176 2.22 -3.76 -3.10
C ASN A 176 3.36 -3.06 -2.33
N ILE A 177 4.11 -3.81 -1.55
CA ILE A 177 5.28 -3.37 -0.85
C ILE A 177 6.37 -4.39 -1.14
N VAL A 178 7.60 -3.93 -1.35
CA VAL A 178 8.74 -4.81 -1.69
C VAL A 178 9.86 -4.56 -0.76
N VAL A 179 10.75 -5.53 -0.68
CA VAL A 179 11.82 -5.52 0.32
C VAL A 179 13.09 -6.00 -0.39
N LYS A 180 14.16 -5.28 -0.14
CA LYS A 180 15.55 -5.72 -0.46
C LYS A 180 16.14 -6.77 0.49
N ALA A 181 17.12 -7.55 0.01
CA ALA A 181 17.71 -8.59 0.87
C ALA A 181 18.34 -8.03 2.16
N ASP A 182 18.81 -6.77 2.13
CA ASP A 182 19.22 -6.03 3.36
C ASP A 182 18.04 -5.44 4.25
N CYS A 183 16.82 -5.79 3.95
CA CYS A 183 15.62 -5.35 4.71
C CYS A 183 15.11 -3.90 4.41
N THR A 184 15.71 -3.17 3.46
CA THR A 184 15.18 -1.90 2.97
C THR A 184 13.79 -2.14 2.33
N LEU A 185 12.81 -1.40 2.77
CA LEU A 185 11.45 -1.55 2.30
C LEU A 185 11.04 -0.36 1.42
N LYS A 186 10.20 -0.64 0.41
CA LYS A 186 9.71 0.38 -0.52
C LYS A 186 8.26 0.09 -0.85
N ILE A 187 7.43 1.08 -0.63
CA ILE A 187 6.03 1.03 -1.00
C ILE A 187 5.98 1.26 -2.54
N LEU A 188 5.17 0.41 -3.24
CA LEU A 188 5.16 0.44 -4.69
C LEU A 188 4.18 1.38 -5.25
N ASP A 189 3.17 1.77 -4.50
CA ASP A 189 2.02 2.55 -5.09
C ASP A 189 1.49 3.71 -4.22
N PHE A 190 0.56 4.50 -4.76
CA PHE A 190 0.12 5.76 -4.10
C PHE A 190 -1.29 5.77 -3.62
N GLY A 191 -2.04 4.67 -3.88
CA GLY A 191 -3.35 4.51 -3.30
C GLY A 191 -4.46 5.13 -4.09
N LEU A 192 -5.53 5.49 -3.41
CA LEU A 192 -6.79 5.85 -4.07
C LEU A 192 -6.81 7.34 -4.30
N ALA A 193 -7.42 7.73 -5.40
CA ALA A 193 -7.59 9.18 -5.63
C ALA A 193 -8.50 9.80 -4.59
N ARG A 194 -8.30 11.08 -4.29
CA ARG A 194 -9.08 11.77 -3.27
C ARG A 194 -10.56 11.70 -3.54
N THR A 195 -10.97 11.76 -4.82
CA THR A 195 -12.39 11.62 -5.18
C THR A 195 -12.91 10.19 -4.93
N ALA A 196 -12.09 9.17 -5.25
CA ALA A 196 -12.53 7.77 -5.16
C ALA A 196 -13.38 7.50 -3.90
N GLY A 197 -14.63 7.09 -4.14
CA GLY A 197 -15.57 6.80 -3.09
C GLY A 197 -15.70 5.32 -2.82
N THR A 198 -16.12 5.00 -1.59
CA THR A 198 -16.32 3.60 -1.15
C THR A 198 -17.68 3.52 -0.42
N THR A 199 -18.33 2.38 -0.58
CA THR A 199 -19.65 2.13 0.00
C THR A 199 -19.76 0.70 0.49
N PHE A 200 -20.42 0.55 1.63
CA PHE A 200 -20.48 -0.71 2.38
C PHE A 200 -21.04 -1.82 1.55
N MET A 201 -22.14 -1.54 0.86
CA MET A 201 -22.89 -2.54 0.15
C MET A 201 -22.42 -2.89 -1.23
N MET A 202 -21.59 -2.06 -1.83
CA MET A 202 -21.12 -2.40 -3.14
C MET A 202 -19.66 -2.77 -3.15
N VAL A 206 -12.83 -8.37 -6.76
CA VAL A 206 -11.61 -8.34 -7.64
C VAL A 206 -10.35 -7.63 -7.03
N VAL A 207 -10.55 -6.90 -5.93
CA VAL A 207 -9.48 -6.12 -5.28
C VAL A 207 -9.38 -6.66 -3.81
N THR A 208 -8.16 -6.75 -3.29
CA THR A 208 -7.90 -7.12 -1.88
C THR A 208 -8.30 -5.95 -0.97
N ARG A 209 -9.30 -6.17 -0.11
CA ARG A 209 -9.86 -5.07 0.74
C ARG A 209 -9.59 -5.21 2.28
N TYR A 210 -8.88 -6.26 2.65
CA TYR A 210 -8.72 -6.68 4.00
C TYR A 210 -7.96 -5.70 4.87
N TYR A 211 -7.21 -4.77 4.26
CA TYR A 211 -6.36 -3.80 5.04
C TYR A 211 -6.98 -2.45 5.10
N ARG A 212 -8.17 -2.30 4.52
CA ARG A 212 -8.91 -1.03 4.53
C ARG A 212 -9.56 -0.68 5.83
N ALA A 213 -9.44 0.60 6.25
CA ALA A 213 -10.00 1.00 7.53
C ALA A 213 -11.56 0.92 7.58
N PRO A 214 -12.13 0.82 8.81
CA PRO A 214 -13.57 0.89 9.00
C PRO A 214 -14.21 2.04 8.31
N GLU A 215 -13.58 3.22 8.40
CA GLU A 215 -14.21 4.39 7.74
C GLU A 215 -14.28 4.24 6.21
N VAL A 216 -13.35 3.50 5.61
CA VAL A 216 -13.29 3.30 4.15
C VAL A 216 -14.38 2.26 3.75
N ILE A 217 -14.42 1.13 4.46
CA ILE A 217 -15.37 0.10 4.12
C ILE A 217 -16.80 0.42 4.47
N LEU A 218 -17.06 1.33 5.43
CA LEU A 218 -18.40 1.74 5.80
C LEU A 218 -18.85 3.02 5.09
N GLY A 219 -17.94 3.62 4.35
CA GLY A 219 -18.27 4.85 3.55
C GLY A 219 -18.39 6.10 4.35
N MET A 220 -17.52 6.28 5.37
CA MET A 220 -17.53 7.46 6.22
C MET A 220 -16.49 8.45 5.66
N GLY A 221 -16.37 9.66 6.22
CA GLY A 221 -15.20 10.48 5.85
C GLY A 221 -13.91 9.90 6.48
N TYR A 222 -12.75 10.45 6.17
CA TYR A 222 -11.47 9.92 6.69
C TYR A 222 -10.50 11.05 6.84
N THR A 223 -9.45 10.80 7.62
CA THR A 223 -8.32 11.70 7.79
C THR A 223 -7.03 10.85 7.58
N GLU A 224 -5.85 11.45 7.84
CA GLU A 224 -4.57 10.85 7.54
C GLU A 224 -4.43 9.48 8.29
N ASN A 225 -4.91 9.41 9.51
CA ASN A 225 -4.81 8.15 10.30
C ASN A 225 -5.62 6.94 9.78
N VAL A 226 -6.37 7.09 8.69
CA VAL A 226 -6.87 5.94 7.97
C VAL A 226 -5.76 4.94 7.63
N ASP A 227 -4.55 5.45 7.28
CA ASP A 227 -3.42 4.60 6.93
C ASP A 227 -2.82 3.86 8.17
N ILE A 228 -3.06 4.39 9.40
CA ILE A 228 -2.59 3.69 10.61
C ILE A 228 -3.33 2.36 10.82
N TRP A 229 -4.62 2.33 10.49
CA TRP A 229 -5.37 1.03 10.53
C TRP A 229 -4.69 -0.02 9.66
N SER A 230 -4.31 0.36 8.44
CA SER A 230 -3.64 -0.56 7.50
C SER A 230 -2.36 -1.04 8.03
N VAL A 231 -1.58 -0.14 8.62
CA VAL A 231 -0.32 -0.57 9.22
C VAL A 231 -0.54 -1.53 10.40
N GLY A 232 -1.55 -1.30 11.24
CA GLY A 232 -1.87 -2.29 12.32
C GLY A 232 -2.33 -3.65 11.79
N CYS A 233 -3.09 -3.65 10.70
CA CYS A 233 -3.46 -4.91 10.06
C CYS A 233 -2.24 -5.65 9.57
N ILE A 234 -1.29 -4.98 8.96
CA ILE A 234 -0.04 -5.63 8.49
C ILE A 234 0.80 -6.08 9.65
N MET A 235 0.95 -5.22 10.70
CA MET A 235 1.67 -5.64 11.89
C MET A 235 1.10 -6.91 12.52
N GLY A 236 -0.23 -6.99 12.66
CA GLY A 236 -0.84 -8.12 13.29
C GLY A 236 -0.57 -9.38 12.40
N GLU A 237 -0.63 -9.25 11.10
CA GLU A 237 -0.32 -10.36 10.12
C GLU A 237 1.14 -10.75 10.13
N MET A 238 2.05 -9.80 10.33
CA MET A 238 3.50 -10.15 10.52
C MET A 238 3.63 -11.11 11.73
N ILE A 239 2.88 -10.86 12.78
CA ILE A 239 2.91 -11.72 14.01
C ILE A 239 2.24 -13.05 13.77
N ARG A 240 0.97 -13.04 13.38
CA ARG A 240 0.23 -14.31 13.12
C ARG A 240 0.59 -15.06 11.86
N GLY A 241 1.01 -14.32 10.81
CA GLY A 241 1.24 -14.84 9.49
C GLY A 241 0.03 -14.90 8.61
N GLY A 242 -1.16 -14.67 9.14
CA GLY A 242 -2.41 -14.76 8.41
C GLY A 242 -3.16 -13.43 8.49
N VAL A 243 -3.99 -13.22 7.51
CA VAL A 243 -4.86 -12.03 7.45
C VAL A 243 -5.75 -11.91 8.69
N LEU A 244 -5.76 -10.71 9.28
CA LEU A 244 -6.55 -10.45 10.47
C LEU A 244 -8.10 -10.47 10.23
N PHE A 245 -8.56 -9.77 9.18
CA PHE A 245 -9.93 -9.52 8.91
C PHE A 245 -10.28 -9.91 7.48
N PRO A 246 -10.25 -11.22 7.20
CA PRO A 246 -10.48 -11.67 5.88
C PRO A 246 -11.98 -11.65 5.64
N GLY A 247 -12.42 -11.86 4.44
CA GLY A 247 -13.83 -11.68 4.15
C GLY A 247 -14.06 -11.56 2.68
N THR A 248 -15.14 -12.20 2.20
CA THR A 248 -15.55 -12.11 0.81
C THR A 248 -16.06 -10.74 0.37
N ASP A 249 -16.57 -9.93 1.29
CA ASP A 249 -17.11 -8.62 0.99
C ASP A 249 -17.03 -7.76 2.27
N HIS A 250 -17.40 -6.50 2.14
CA HIS A 250 -17.34 -5.53 3.27
C HIS A 250 -18.13 -5.98 4.48
N ILE A 251 -19.24 -6.69 4.25
CA ILE A 251 -20.09 -7.21 5.36
C ILE A 251 -19.42 -8.32 6.09
N ASP A 252 -18.81 -9.26 5.37
CA ASP A 252 -18.05 -10.32 6.01
C ASP A 252 -16.88 -9.70 6.81
N GLN A 253 -16.23 -8.71 6.21
CA GLN A 253 -15.06 -8.12 6.87
C GLN A 253 -15.46 -7.34 8.15
N TRP A 254 -16.61 -6.67 8.15
CA TRP A 254 -17.07 -5.94 9.34
C TRP A 254 -17.30 -6.89 10.48
N ASN A 255 -17.92 -8.04 10.17
CA ASN A 255 -18.14 -9.06 11.19
C ASN A 255 -16.88 -9.59 11.77
N LYS A 256 -15.85 -9.82 10.92
CA LYS A 256 -14.57 -10.25 11.48
C LYS A 256 -13.97 -9.21 12.42
N ILE A 257 -14.16 -7.95 12.08
CA ILE A 257 -13.60 -6.82 12.90
C ILE A 257 -14.25 -6.74 14.29
N ILE A 258 -15.59 -6.75 14.31
CA ILE A 258 -16.30 -6.65 15.58
C ILE A 258 -16.18 -7.94 16.44
N GLU A 259 -16.02 -9.13 15.83
CA GLU A 259 -15.84 -10.35 16.60
C GLU A 259 -14.53 -10.31 17.41
N GLN A 260 -13.51 -9.73 16.83
CA GLN A 260 -12.23 -9.62 17.53
C GLN A 260 -12.09 -8.39 18.42
N LEU A 261 -12.48 -7.23 17.92
CA LEU A 261 -12.23 -5.99 18.64
C LEU A 261 -13.41 -5.48 19.50
N GLY A 262 -14.62 -5.99 19.29
CA GLY A 262 -15.83 -5.52 19.95
C GLY A 262 -16.64 -4.54 19.20
N THR A 263 -17.90 -4.41 19.65
CA THR A 263 -18.82 -3.52 19.10
C THR A 263 -18.37 -2.10 19.39
N PRO A 264 -18.38 -1.21 18.36
CA PRO A 264 -17.96 0.19 18.65
C PRO A 264 -19.01 1.04 19.38
N SER A 265 -18.63 2.29 19.70
CA SER A 265 -19.48 3.13 20.54
C SER A 265 -20.75 3.60 19.79
N PRO A 266 -21.81 3.98 20.53
CA PRO A 266 -22.94 4.61 19.90
C PRO A 266 -22.56 5.87 19.11
N SER A 267 -21.62 6.71 19.57
CA SER A 267 -21.26 7.90 18.76
C SER A 267 -20.69 7.59 17.38
N PHE A 268 -19.87 6.55 17.32
CA PHE A 268 -19.39 6.06 16.07
C PHE A 268 -20.50 5.64 15.14
N MET A 269 -21.41 4.80 15.67
CA MET A 269 -22.50 4.26 14.87
C MET A 269 -23.42 5.36 14.38
N GLN A 270 -23.59 6.39 15.19
CA GLN A 270 -24.46 7.50 14.79
C GLN A 270 -23.90 8.32 13.60
N ARG A 271 -22.60 8.28 13.32
CA ARG A 271 -22.04 8.94 12.11
C ARG A 271 -22.29 8.20 10.82
N LEU A 272 -22.82 6.98 10.85
CA LEU A 272 -22.95 6.16 9.68
C LEU A 272 -24.17 6.58 8.81
N GLN A 273 -24.13 6.30 7.52
CA GLN A 273 -25.32 6.51 6.66
C GLN A 273 -26.45 5.52 7.09
N PRO A 274 -27.78 5.90 6.95
CA PRO A 274 -28.88 5.10 7.56
C PRO A 274 -28.86 3.59 7.26
N THR A 275 -28.59 3.20 6.01
CA THR A 275 -28.61 1.77 5.65
C THR A 275 -27.53 0.98 6.40
N VAL A 276 -26.34 1.54 6.39
CA VAL A 276 -25.18 0.89 7.10
C VAL A 276 -25.41 0.99 8.64
N ARG A 277 -25.89 2.13 9.11
CA ARG A 277 -26.17 2.30 10.52
C ARG A 277 -27.10 1.23 11.07
N ASN A 278 -28.18 0.99 10.34
CA ASN A 278 -29.16 -0.02 10.79
C ASN A 278 -28.53 -1.40 10.85
N TYR A 279 -27.66 -1.71 9.88
CA TYR A 279 -26.98 -3.01 9.85
C TYR A 279 -26.01 -3.13 11.07
N VAL A 280 -25.17 -2.10 11.27
CA VAL A 280 -24.15 -2.08 12.36
C VAL A 280 -24.83 -2.12 13.74
N GLU A 281 -25.94 -1.39 13.88
CA GLU A 281 -26.71 -1.40 15.12
C GLU A 281 -27.37 -2.72 15.54
N ASN A 282 -27.70 -3.55 14.59
CA ASN A 282 -28.39 -4.80 14.81
C ASN A 282 -27.55 -6.04 14.66
N ARG A 283 -26.22 -5.89 14.67
CA ARG A 283 -25.38 -7.03 14.74
C ARG A 283 -25.32 -7.60 16.20
N PRO A 284 -24.83 -8.83 16.36
CA PRO A 284 -24.46 -9.34 17.69
C PRO A 284 -23.54 -8.39 18.47
N ARG A 285 -23.69 -8.33 19.80
CA ARG A 285 -22.99 -7.39 20.64
C ARG A 285 -21.75 -8.09 21.16
N TYR A 286 -20.60 -7.77 20.63
CA TYR A 286 -19.33 -8.41 21.07
C TYR A 286 -18.59 -7.52 22.00
N THR A 287 -17.85 -8.11 22.95
CA THR A 287 -17.10 -7.28 23.93
C THR A 287 -15.68 -6.94 23.44
N GLY A 288 -15.23 -7.71 22.52
CA GLY A 288 -13.82 -7.69 22.11
C GLY A 288 -12.96 -8.62 22.96
N TYR A 289 -11.94 -9.28 22.37
CA TYR A 289 -10.98 -10.00 23.20
C TYR A 289 -9.90 -9.03 23.62
N SER A 290 -9.33 -9.27 24.79
CA SER A 290 -8.15 -8.53 25.20
C SER A 290 -6.97 -8.73 24.18
N PHE A 291 -6.06 -7.77 24.06
CA PHE A 291 -4.97 -7.99 23.06
C PHE A 291 -4.09 -9.14 23.48
N ASP A 292 -4.15 -9.53 24.75
CA ASP A 292 -3.39 -10.68 25.19
C ASP A 292 -3.96 -11.97 24.61
N ARG A 293 -5.23 -11.99 24.31
CA ARG A 293 -5.87 -13.12 23.70
C ARG A 293 -5.85 -13.06 22.15
N LEU A 294 -5.96 -11.85 21.59
CA LEU A 294 -5.75 -11.65 20.16
C LEU A 294 -4.33 -11.96 19.68
N PHE A 295 -3.34 -11.70 20.50
CA PHE A 295 -1.93 -11.89 20.09
C PHE A 295 -1.24 -12.48 21.32
N PRO A 296 -1.53 -13.75 21.57
CA PRO A 296 -0.93 -14.38 22.75
C PRO A 296 0.60 -14.57 22.63
N ASP A 297 1.28 -14.55 23.78
CA ASP A 297 2.71 -14.87 23.81
C ASP A 297 3.12 -16.07 22.94
N GLY A 298 2.30 -17.11 22.89
CA GLY A 298 2.62 -18.30 22.14
C GLY A 298 2.63 -18.15 20.63
N LEU A 299 2.08 -17.05 20.09
CA LEU A 299 2.17 -16.73 18.67
C LEU A 299 3.26 -15.74 18.27
N PHE A 300 4.01 -15.24 19.26
CA PHE A 300 5.17 -14.39 19.02
C PHE A 300 6.44 -15.24 18.91
N PRO A 301 7.59 -14.61 18.55
CA PRO A 301 8.78 -15.38 18.20
C PRO A 301 9.37 -16.39 19.16
N ASN A 302 9.41 -16.04 20.46
CA ASN A 302 10.09 -16.96 21.40
C ASN A 302 9.49 -17.09 22.79
N ASP A 303 10.12 -17.95 23.61
CA ASP A 303 9.74 -18.16 25.01
C ASP A 303 10.86 -18.90 25.76
N GLN A 306 11.63 -13.75 28.43
CA GLN A 306 11.62 -12.54 29.28
C GLN A 306 11.90 -11.26 28.48
N ASN A 307 13.09 -11.24 27.92
CA ASN A 307 13.35 -10.32 26.85
C ASN A 307 12.29 -10.46 25.71
N SER A 308 12.07 -11.69 25.31
CA SER A 308 10.91 -12.03 24.46
C SER A 308 9.53 -11.52 24.94
N ARG A 309 9.21 -11.73 26.22
CA ARG A 309 7.91 -11.39 26.74
C ARG A 309 7.68 -9.86 26.75
N ARG A 310 8.72 -9.09 27.06
CA ARG A 310 8.59 -7.61 27.03
C ARG A 310 8.37 -7.07 25.60
N LYS A 311 9.08 -7.61 24.63
CA LYS A 311 8.94 -7.20 23.22
C LYS A 311 7.50 -7.54 22.75
N ALA A 312 6.96 -8.68 23.20
CA ALA A 312 5.58 -8.98 22.82
C ALA A 312 4.60 -7.98 23.49
N SER A 313 4.86 -7.62 24.77
CA SER A 313 4.04 -6.71 25.49
C SER A 313 4.02 -5.26 24.80
N ASP A 314 5.18 -4.85 24.35
CA ASP A 314 5.37 -3.52 23.65
C ASP A 314 4.59 -3.58 22.31
N ALA A 315 4.73 -4.70 21.61
CA ALA A 315 3.94 -4.88 20.32
C ALA A 315 2.43 -4.84 20.50
N ARG A 316 1.95 -5.51 21.52
CA ARG A 316 0.53 -5.48 21.84
C ARG A 316 0.03 -4.05 22.17
N ASN A 317 0.84 -3.29 22.88
CA ASN A 317 0.43 -1.96 23.24
C ASN A 317 0.27 -1.14 21.98
N LEU A 318 1.25 -1.25 21.06
CA LEU A 318 1.12 -0.56 19.79
C LEU A 318 -0.13 -1.01 19.00
N LEU A 319 -0.32 -2.32 18.87
CA LEU A 319 -1.56 -2.82 18.17
C LEU A 319 -2.84 -2.26 18.75
N SER A 320 -2.92 -2.18 20.09
CA SER A 320 -4.05 -1.66 20.83
C SER A 320 -4.35 -0.20 20.52
N LYS A 321 -3.37 0.53 20.01
CA LYS A 321 -3.50 1.92 19.66
C LYS A 321 -3.79 2.10 18.13
N MET A 322 -3.39 1.16 17.30
CA MET A 322 -3.53 1.27 15.81
C MET A 322 -4.82 0.58 15.41
N LEU A 323 -5.13 -0.60 15.98
CA LEU A 323 -6.38 -1.35 15.62
C LEU A 323 -7.55 -0.92 16.53
N VAL A 324 -7.97 0.28 16.28
CA VAL A 324 -8.98 0.97 16.97
C VAL A 324 -10.01 1.41 15.92
N ILE A 325 -11.24 0.95 16.09
CA ILE A 325 -12.29 1.17 15.09
C ILE A 325 -12.58 2.66 14.86
N ASP A 326 -12.83 3.38 15.93
CA ASP A 326 -13.11 4.84 15.82
C ASP A 326 -11.83 5.65 15.60
N PRO A 327 -11.69 6.25 14.42
CA PRO A 327 -10.46 6.97 14.10
C PRO A 327 -10.20 8.15 14.99
N GLU A 328 -11.25 8.71 15.61
CA GLU A 328 -11.08 9.76 16.61
C GLU A 328 -10.30 9.27 17.81
N GLN A 329 -10.24 7.94 18.07
CA GLN A 329 -9.42 7.47 19.19
C GLN A 329 -8.16 6.69 18.78
N ARG A 330 -7.95 6.59 17.48
CA ARG A 330 -6.76 5.86 16.93
C ARG A 330 -5.55 6.80 16.88
N ILE A 331 -4.34 6.27 17.13
CA ILE A 331 -3.18 7.13 17.09
C ILE A 331 -2.76 7.57 15.68
N SER A 332 -1.96 8.65 15.65
CA SER A 332 -1.40 9.21 14.43
C SER A 332 -0.09 8.55 13.96
N VAL A 333 0.37 8.90 12.71
CA VAL A 333 1.63 8.47 12.20
C VAL A 333 2.79 8.91 13.10
N ASP A 334 2.78 10.19 13.47
CA ASP A 334 3.87 10.69 14.29
C ASP A 334 3.92 9.98 15.65
N GLU A 335 2.79 9.72 16.28
CA GLU A 335 2.77 9.03 17.59
C GLU A 335 3.25 7.58 17.39
N ALA A 336 2.86 6.95 16.27
CA ALA A 336 3.37 5.58 16.03
C ALA A 336 4.89 5.48 15.89
N LEU A 337 5.50 6.50 15.25
CA LEU A 337 6.94 6.56 15.05
C LEU A 337 7.66 6.77 16.38
N LYS A 338 7.02 7.48 17.28
CA LYS A 338 7.61 7.72 18.64
C LYS A 338 7.30 6.57 19.60
N HIS A 339 6.57 5.51 19.21
CA HIS A 339 6.20 4.41 20.10
C HIS A 339 7.41 3.53 20.46
N GLU A 340 7.44 2.98 21.69
CA GLU A 340 8.53 2.14 22.13
C GLU A 340 8.85 0.94 21.26
N TYR A 341 7.86 0.41 20.55
CA TYR A 341 8.16 -0.79 19.76
C TYR A 341 9.00 -0.37 18.52
N ILE A 342 8.80 0.85 18.03
CA ILE A 342 9.32 1.37 16.73
C ILE A 342 10.59 2.24 16.93
N ASN A 343 10.63 2.96 18.04
CA ASN A 343 11.53 4.09 18.17
C ASN A 343 12.99 3.69 18.37
N VAL A 344 13.27 2.39 18.52
CA VAL A 344 14.60 1.92 18.52
C VAL A 344 15.35 2.19 17.22
N TRP A 345 14.61 2.43 16.13
CA TRP A 345 15.21 2.79 14.86
C TRP A 345 15.18 4.25 14.53
N TYR A 346 14.58 5.04 15.41
CA TYR A 346 14.22 6.46 15.10
C TYR A 346 15.43 7.27 14.72
N ASP A 347 15.36 7.93 13.58
CA ASP A 347 16.48 8.77 13.11
C ASP A 347 15.82 10.01 12.49
N ALA A 348 16.07 11.17 13.10
CA ALA A 348 15.41 12.43 12.69
C ALA A 348 15.52 12.72 11.20
N GLU A 349 16.62 12.33 10.56
CA GLU A 349 16.81 12.54 9.10
C GLU A 349 15.94 11.68 8.22
N GLU A 350 15.52 10.51 8.69
CA GLU A 350 14.49 9.69 8.04
C GLU A 350 13.07 10.07 8.30
N VAL A 351 12.83 10.50 9.54
CA VAL A 351 11.54 10.83 10.01
C VAL A 351 11.17 12.21 9.56
N ASP A 352 12.09 13.16 9.70
CA ASP A 352 11.73 14.56 9.33
C ASP A 352 12.30 14.82 7.92
N ALA A 353 11.62 14.23 6.93
CA ALA A 353 12.10 14.18 5.57
C ALA A 353 10.92 14.55 4.64
N PRO A 354 10.58 15.84 4.57
CA PRO A 354 9.38 16.20 3.88
C PRO A 354 9.50 16.11 2.36
N ALA A 355 8.35 16.00 1.74
CA ALA A 355 8.30 15.98 0.30
C ALA A 355 8.75 17.32 -0.27
N PRO A 356 9.41 17.29 -1.45
CA PRO A 356 9.84 18.58 -1.98
C PRO A 356 8.69 19.50 -2.41
N GLU A 357 7.55 18.96 -2.87
CA GLU A 357 6.34 19.74 -3.06
C GLU A 357 5.04 18.94 -2.80
N PRO A 358 3.92 19.61 -2.58
CA PRO A 358 2.69 18.90 -2.36
C PRO A 358 2.01 18.62 -3.72
N TYR A 359 1.23 17.57 -3.76
CA TYR A 359 0.53 17.16 -4.95
C TYR A 359 -0.73 17.96 -4.96
N ASP A 360 -1.05 18.45 -6.15
CA ASP A 360 -2.25 19.16 -6.42
C ASP A 360 -3.16 18.15 -7.09
N HIS A 361 -4.14 17.64 -6.37
CA HIS A 361 -5.15 16.68 -6.83
C HIS A 361 -6.07 17.38 -7.86
N SER A 362 -5.62 17.44 -9.08
CA SER A 362 -5.70 18.33 -10.26
C SER A 362 -6.12 17.29 -11.31
N VAL A 363 -5.41 16.16 -11.36
CA VAL A 363 -5.75 15.03 -12.21
C VAL A 363 -7.18 14.56 -11.97
N ARG A 366 -9.92 16.74 -13.96
CA ARG A 366 -9.65 16.88 -15.38
C ARG A 366 -10.56 15.97 -16.22
N GLU A 367 -11.50 16.56 -16.94
CA GLU A 367 -12.38 15.79 -17.83
C GLU A 367 -11.82 15.84 -19.26
N HIS A 368 -11.39 14.68 -19.76
CA HIS A 368 -10.79 14.58 -21.10
C HIS A 368 -11.37 13.36 -21.82
N THR A 369 -11.39 13.44 -23.14
CA THR A 369 -11.75 12.31 -23.98
C THR A 369 -10.62 11.27 -23.96
N VAL A 370 -10.92 10.09 -24.48
CA VAL A 370 -9.97 9.01 -24.70
C VAL A 370 -8.78 9.50 -25.54
N GLU A 371 -9.07 10.14 -26.68
CA GLU A 371 -8.08 10.74 -27.59
C GLU A 371 -7.21 11.77 -26.84
N GLN A 372 -7.81 12.59 -25.98
CA GLN A 372 -7.03 13.60 -25.21
C GLN A 372 -6.15 12.98 -24.13
N TRP A 373 -6.70 12.03 -23.40
CA TRP A 373 -5.92 11.22 -22.46
C TRP A 373 -4.71 10.51 -23.11
N LYS A 374 -4.92 9.99 -24.32
CA LYS A 374 -3.85 9.37 -25.06
C LYS A 374 -2.67 10.37 -25.25
N GLU A 375 -3.00 11.58 -25.68
CA GLU A 375 -1.96 12.57 -25.97
C GLU A 375 -1.17 13.02 -24.73
N LEU A 376 -1.89 13.26 -23.63
CA LEU A 376 -1.25 13.65 -22.38
C LEU A 376 -0.26 12.59 -21.89
N ILE A 377 -0.71 11.34 -21.83
CA ILE A 377 0.13 10.22 -21.37
C ILE A 377 1.34 10.03 -22.31
N TYR A 378 1.11 10.08 -23.63
CA TYR A 378 2.18 9.90 -24.61
C TYR A 378 3.28 10.98 -24.40
N GLU A 379 2.86 12.25 -24.35
CA GLU A 379 3.83 13.35 -24.23
C GLU A 379 4.56 13.31 -22.88
N GLU A 380 3.85 12.86 -21.85
CA GLU A 380 4.43 12.65 -20.53
C GLU A 380 5.52 11.57 -20.54
N VAL A 381 5.24 10.43 -21.17
CA VAL A 381 6.24 9.36 -21.36
C VAL A 381 7.46 9.87 -22.18
N MET A 382 7.20 10.56 -23.30
CA MET A 382 8.28 11.08 -24.12
C MET A 382 9.15 11.98 -23.26
N ASP A 383 8.53 12.99 -22.65
CA ASP A 383 9.25 13.94 -21.76
C ASP A 383 10.24 13.28 -20.83
N TYR A 384 9.99 12.04 -20.45
CA TYR A 384 10.83 11.36 -19.45
C TYR A 384 12.34 11.40 -19.74
PG ANP B . -1.53 -2.92 -9.12
O1G ANP B . -3.02 -3.12 -9.25
O2G ANP B . -0.85 -3.39 -7.82
O3G ANP B . -1.00 -1.65 -9.67
PB ANP B . -0.18 -5.36 -10.15
O1B ANP B . -0.47 -6.05 -8.84
O2B ANP B . -0.34 -6.22 -11.40
N3B ANP B . -0.97 -3.92 -10.40
PA ANP B . 2.39 -4.63 -8.97
O1A ANP B . 1.73 -4.71 -7.63
O2A ANP B . 3.11 -3.27 -9.22
O3A ANP B . 1.38 -4.98 -10.15
O5' ANP B . 3.45 -5.77 -8.94
C5' ANP B . 3.14 -7.18 -8.98
C4' ANP B . 4.15 -7.95 -8.18
O4' ANP B . 5.42 -7.85 -8.89
C3' ANP B . 4.44 -7.40 -6.76
O3' ANP B . 3.48 -7.94 -5.82
C2' ANP B . 5.88 -7.83 -6.61
O2' ANP B . 5.95 -9.25 -6.21
C1' ANP B . 6.52 -7.65 -8.02
N9 ANP B . 7.11 -6.36 -8.22
C8 ANP B . 6.61 -5.25 -8.73
N7 ANP B . 7.51 -4.28 -8.72
C5 ANP B . 8.64 -4.83 -8.22
C6 ANP B . 9.99 -4.30 -7.93
N6 ANP B . 10.31 -3.04 -8.18
N1 ANP B . 10.86 -5.14 -7.38
C2 ANP B . 10.53 -6.45 -7.13
N3 ANP B . 9.30 -7.00 -7.34
C4 ANP B . 8.38 -6.18 -7.87
MG MG C . -0.25 -5.03 -7.08
MG MG D . -1.20 0.42 -9.06
#